data_8U0P
#
_entry.id   8U0P
#
_cell.length_a   56.205
_cell.length_b   60.068
_cell.length_c   140.729
_cell.angle_alpha   90.000
_cell.angle_beta   90.000
_cell.angle_gamma   90.000
#
_symmetry.space_group_name_H-M   'P 21 21 21'
#
loop_
_entity.id
_entity.type
_entity.pdbx_description
1 polymer 'DNA polymerase lambda'
2 polymer "DNA (5'-D(*CP*GP*GP*CP*AP*GP*TP*AP*CP*TP*G)-3')"
3 polymer "DNA (5'-D(*CP*AP*GP*TP*AP*C)-3')"
4 polymer "DNA (5'-D(P*GP*CP*CP*G)-3')"
5 non-polymer 'MAGNESIUM ION'
6 non-polymer 'SODIUM ION'
7 non-polymer 'CHLORIDE ION'
8 non-polymer 'SULFATE ION'
9 non-polymer "2'-DEOXYURIDINE 5'-ALPHA,BETA-IMIDO-TRIPHOSPHATE"
10 water water
#
loop_
_entity_poly.entity_id
_entity_poly.type
_entity_poly.pdbx_seq_one_letter_code
_entity_poly.pdbx_strand_id
1 'polypeptide(L)'
;GSAAAVLDKWVCAQPSSQKATNHNLHITEKLEVLAKAYSVQGDKWRALGYAKAINALKSFHKPVTSYQEACSIPGIGKRM
AEKIIEILESGHLRKLDHISESVPVLELFSNIWGAGTKTAQMWYQQGFRSLEDIRSQASLTTQQAIGLKHYSDFLERMPR
EEATEIEQTVQKAAQAFNSGLLCVACGSYRRGKATCGDVDVLITHPDGRSHRGIFSRLLDSLRQEGFLTDDLVSQGKYLG
VCRLPGPGRRHRRLDIIVVPYSEFACALLYFTGSAHFNRSMRALAKTKGMSLSEHALSTAVVRNTHGCKVGPGRVLPTPT
EKDVFRLLGLPYREPAERDW
;
A
2 'polydeoxyribonucleotide' (DC)(DG)(DG)(DC)(DA)(DG)(DT)(DA)(DC)(DT)(DG) T
3 'polydeoxyribonucleotide' (DC)(DA)(DG)(DT)(DA)(DC) P
4 'polydeoxyribonucleotide' (DG)(DC)(DC)(DG) D
#
loop_
_chem_comp.id
_chem_comp.type
_chem_comp.name
_chem_comp.formula
CL non-polymer 'CHLORIDE ION' 'Cl -1'
DA DNA linking 2'-DEOXYADENOSINE-5'-MONOPHOSPHATE 'C10 H14 N5 O6 P'
DC DNA linking 2'-DEOXYCYTIDINE-5'-MONOPHOSPHATE 'C9 H14 N3 O7 P'
DG DNA linking 2'-DEOXYGUANOSINE-5'-MONOPHOSPHATE 'C10 H14 N5 O7 P'
DT DNA linking THYMIDINE-5'-MONOPHOSPHATE 'C10 H15 N2 O8 P'
DUP non-polymer '2'-DEOXYURIDINE 5'-ALPHA,BETA-IMIDO-TRIPHOSPHATE' 'C9 H16 N3 O13 P3'
MG non-polymer 'MAGNESIUM ION' 'Mg 2'
NA non-polymer 'SODIUM ION' 'Na 1'
SO4 non-polymer 'SULFATE ION' 'O4 S -2'
#
# COMPACT_ATOMS: atom_id res chain seq x y z
N ASP A 8 -11.80 -16.79 11.00
CA ASP A 8 -10.71 -17.62 10.49
C ASP A 8 -10.61 -17.50 8.96
N LYS A 9 -11.70 -17.09 8.32
CA LYS A 9 -11.70 -16.76 6.90
C LYS A 9 -11.26 -15.33 6.63
N TRP A 10 -10.95 -14.55 7.68
CA TRP A 10 -10.71 -13.12 7.57
C TRP A 10 -9.30 -12.81 8.06
N VAL A 11 -8.45 -12.27 7.16
CA VAL A 11 -7.08 -11.95 7.58
C VAL A 11 -7.10 -10.91 8.69
N CYS A 12 -8.02 -9.95 8.62
CA CYS A 12 -8.08 -8.90 9.64
C CYS A 12 -8.43 -9.43 11.03
N ALA A 13 -8.84 -10.70 11.13
CA ALA A 13 -9.10 -11.35 12.39
C ALA A 13 -7.89 -12.12 12.92
N GLN A 14 -6.75 -12.04 12.24
CA GLN A 14 -5.58 -12.86 12.55
C GLN A 14 -4.33 -12.00 12.67
N PRO A 15 -3.37 -12.41 13.49
CA PRO A 15 -2.09 -11.68 13.53
C PRO A 15 -1.26 -11.96 12.28
N SER A 16 -0.71 -10.89 11.69
CA SER A 16 0.09 -11.04 10.48
C SER A 16 1.41 -11.75 10.75
N SER A 17 1.84 -11.83 12.01
CA SER A 17 3.09 -12.53 12.32
C SER A 17 3.02 -14.03 12.04
N GLN A 18 1.83 -14.57 11.77
CA GLN A 18 1.73 -15.95 11.29
C GLN A 18 2.55 -16.16 10.02
N LYS A 19 2.75 -15.11 9.22
CA LYS A 19 3.50 -15.23 7.98
C LYS A 19 5.00 -15.39 8.21
N ALA A 20 5.49 -15.06 9.41
CA ALA A 20 6.93 -15.09 9.65
C ALA A 20 7.52 -16.48 9.51
N THR A 21 6.71 -17.53 9.66
CA THR A 21 7.19 -18.90 9.54
C THR A 21 6.55 -19.57 8.34
N ASN A 22 6.83 -19.05 7.14
CA ASN A 22 6.24 -19.57 5.93
C ASN A 22 6.78 -20.97 5.66
N HIS A 23 5.91 -21.97 5.75
CA HIS A 23 6.27 -23.36 5.53
C HIS A 23 6.00 -23.82 4.11
N ASN A 24 5.74 -22.88 3.19
CA ASN A 24 5.43 -23.21 1.80
C ASN A 24 6.14 -22.26 0.85
N LEU A 25 7.33 -21.81 1.22
CA LEU A 25 8.02 -20.79 0.43
C LEU A 25 8.29 -21.27 -0.99
N HIS A 26 8.67 -22.54 -1.15
CA HIS A 26 8.88 -23.09 -2.50
C HIS A 26 7.64 -22.92 -3.36
N ILE A 27 6.45 -22.91 -2.75
CA ILE A 27 5.23 -22.69 -3.51
C ILE A 27 4.99 -21.21 -3.73
N THR A 28 5.04 -20.41 -2.67
CA THR A 28 4.63 -19.02 -2.79
C THR A 28 5.59 -18.21 -3.65
N GLU A 29 6.88 -18.57 -3.67
CA GLU A 29 7.82 -17.85 -4.52
C GLU A 29 7.46 -17.98 -5.99
N LYS A 30 6.91 -19.12 -6.40
CA LYS A 30 6.53 -19.31 -7.79
C LYS A 30 5.16 -18.68 -8.08
N LEU A 31 4.24 -18.77 -7.13
CA LEU A 31 2.93 -18.15 -7.33
C LEU A 31 3.03 -16.64 -7.42
N GLU A 32 3.95 -16.04 -6.66
CA GLU A 32 4.12 -14.59 -6.72
C GLU A 32 4.55 -14.13 -8.12
N VAL A 33 5.32 -14.95 -8.83
CA VAL A 33 5.70 -14.60 -10.20
C VAL A 33 4.47 -14.53 -11.08
N LEU A 34 3.59 -15.54 -10.97
CA LEU A 34 2.35 -15.52 -11.74
C LEU A 34 1.46 -14.37 -11.33
N ALA A 35 1.34 -14.13 -10.03
CA ALA A 35 0.49 -13.04 -9.54
C ALA A 35 0.92 -11.71 -10.14
N LYS A 36 2.23 -11.43 -10.14
CA LYS A 36 2.74 -10.18 -10.69
C LYS A 36 2.48 -10.10 -12.19
N ALA A 37 2.58 -11.23 -12.90
CA ALA A 37 2.33 -11.24 -14.33
C ALA A 37 0.88 -10.88 -14.63
N TYR A 38 -0.06 -11.51 -13.92
CA TYR A 38 -1.47 -11.16 -14.11
C TYR A 38 -1.71 -9.70 -13.75
N SER A 39 -1.02 -9.21 -12.72
CA SER A 39 -1.26 -7.84 -12.27
C SER A 39 -0.83 -6.83 -13.32
N VAL A 40 0.40 -6.94 -13.83
CA VAL A 40 0.85 -5.92 -14.78
C VAL A 40 0.11 -6.04 -16.09
N GLN A 41 -0.42 -7.21 -16.42
CA GLN A 41 -1.26 -7.36 -17.60
C GLN A 41 -2.70 -6.88 -17.38
N GLY A 42 -3.04 -6.44 -16.16
CA GLY A 42 -4.34 -5.85 -15.90
C GLY A 42 -5.43 -6.82 -15.48
N ASP A 43 -5.09 -8.09 -15.27
CA ASP A 43 -6.08 -9.06 -14.80
C ASP A 43 -6.18 -8.95 -13.27
N LYS A 44 -6.82 -7.86 -12.84
CA LYS A 44 -6.75 -7.47 -11.44
C LYS A 44 -7.40 -8.50 -10.53
N TRP A 45 -8.50 -9.14 -10.97
CA TRP A 45 -9.21 -10.02 -10.07
C TRP A 45 -8.50 -11.36 -9.94
N ARG A 46 -7.97 -11.88 -11.04
CA ARG A 46 -7.14 -13.08 -10.94
C ARG A 46 -5.95 -12.82 -10.03
N ALA A 47 -5.30 -11.67 -10.20
CA ALA A 47 -4.17 -11.33 -9.34
C ALA A 47 -4.57 -11.25 -7.88
N LEU A 48 -5.75 -10.68 -7.60
CA LEU A 48 -6.22 -10.61 -6.21
C LEU A 48 -6.37 -12.00 -5.61
N GLY A 49 -7.01 -12.91 -6.35
CA GLY A 49 -7.10 -14.28 -5.89
C GLY A 49 -5.75 -14.90 -5.59
N TYR A 50 -4.75 -14.62 -6.43
CA TYR A 50 -3.41 -15.12 -6.17
C TYR A 50 -2.83 -14.51 -4.90
N ALA A 51 -3.03 -13.20 -4.73
CA ALA A 51 -2.50 -12.52 -3.55
C ALA A 51 -3.06 -13.13 -2.28
N LYS A 52 -4.36 -13.42 -2.26
CA LYS A 52 -4.99 -13.99 -1.07
C LYS A 52 -4.55 -15.43 -0.85
N ALA A 53 -4.38 -16.19 -1.94
CA ALA A 53 -3.88 -17.56 -1.78
C ALA A 53 -2.46 -17.56 -1.23
N ILE A 54 -1.64 -16.59 -1.65
CA ILE A 54 -0.27 -16.54 -1.17
C ILE A 54 -0.23 -16.21 0.31
N ASN A 55 -1.07 -15.28 0.77
CA ASN A 55 -1.14 -14.98 2.20
C ASN A 55 -1.65 -16.18 2.98
N ALA A 56 -2.63 -16.90 2.43
CA ALA A 56 -3.13 -18.09 3.11
C ALA A 56 -2.04 -19.15 3.23
N LEU A 57 -1.27 -19.34 2.17
CA LEU A 57 -0.17 -20.31 2.20
C LEU A 57 0.93 -19.85 3.15
N LYS A 58 1.24 -18.55 3.15
CA LYS A 58 2.31 -18.05 4.00
C LYS A 58 2.01 -18.24 5.48
N SER A 59 0.74 -18.15 5.86
CA SER A 59 0.38 -18.20 7.28
C SER A 59 -0.03 -19.59 7.75
N PHE A 60 -0.21 -20.54 6.84
CA PHE A 60 -0.57 -21.89 7.22
C PHE A 60 0.48 -22.48 8.15
N HIS A 61 0.06 -23.44 8.99
CA HIS A 61 0.90 -23.90 10.08
C HIS A 61 1.89 -24.99 9.66
N LYS A 62 1.67 -25.65 8.54
CA LYS A 62 2.50 -26.78 8.12
C LYS A 62 2.70 -26.70 6.61
N PRO A 63 3.72 -27.38 6.09
CA PRO A 63 3.82 -27.50 4.62
C PRO A 63 2.66 -28.31 4.06
N VAL A 64 2.00 -27.75 3.05
CA VAL A 64 0.89 -28.45 2.41
C VAL A 64 1.45 -29.64 1.64
N THR A 65 0.82 -30.80 1.82
CA THR A 65 1.32 -32.04 1.26
C THR A 65 0.31 -32.83 0.44
N SER A 66 -0.97 -32.42 0.42
CA SER A 66 -1.99 -33.19 -0.27
C SER A 66 -3.01 -32.26 -0.90
N TYR A 67 -3.65 -32.78 -1.95
CA TYR A 67 -4.70 -32.05 -2.65
C TYR A 67 -5.90 -31.77 -1.74
N GLN A 68 -6.19 -32.69 -0.82
CA GLN A 68 -7.30 -32.47 0.11
C GLN A 68 -6.94 -31.43 1.17
N GLU A 69 -5.68 -31.45 1.63
CA GLU A 69 -5.22 -30.45 2.59
C GLU A 69 -5.30 -29.05 1.98
N ALA A 70 -4.80 -28.90 0.76
CA ALA A 70 -4.81 -27.59 0.12
C ALA A 70 -6.24 -27.06 -0.01
N CYS A 71 -7.14 -27.88 -0.56
CA CYS A 71 -8.51 -27.41 -0.82
C CYS A 71 -9.20 -26.95 0.45
N SER A 72 -8.84 -27.51 1.61
CA SER A 72 -9.51 -27.14 2.85
C SER A 72 -9.14 -25.73 3.29
N ILE A 73 -8.01 -25.21 2.83
CA ILE A 73 -7.56 -23.88 3.27
C ILE A 73 -8.44 -22.81 2.62
N PRO A 74 -8.94 -21.83 3.38
CA PRO A 74 -9.69 -20.74 2.74
C PRO A 74 -8.78 -19.92 1.83
N GLY A 75 -9.32 -19.53 0.68
CA GLY A 75 -8.53 -18.88 -0.34
C GLY A 75 -7.81 -19.82 -1.29
N ILE A 76 -7.88 -21.12 -1.05
CA ILE A 76 -7.28 -22.13 -1.92
C ILE A 76 -8.42 -22.96 -2.51
N GLY A 77 -8.55 -22.95 -3.82
CA GLY A 77 -9.58 -23.71 -4.50
C GLY A 77 -9.00 -24.79 -5.38
N LYS A 78 -9.85 -25.40 -6.22
CA LYS A 78 -9.41 -26.51 -7.05
C LYS A 78 -8.20 -26.11 -7.91
N ARG A 79 -8.32 -25.01 -8.65
CA ARG A 79 -7.23 -24.62 -9.54
C ARG A 79 -5.94 -24.35 -8.78
N MET A 80 -6.03 -23.62 -7.66
CA MET A 80 -4.83 -23.35 -6.87
C MET A 80 -4.25 -24.64 -6.27
N ALA A 81 -5.14 -25.56 -5.88
CA ALA A 81 -4.68 -26.85 -5.35
C ALA A 81 -3.88 -27.62 -6.41
N GLU A 82 -4.37 -27.62 -7.65
CA GLU A 82 -3.67 -28.34 -8.72
C GLU A 82 -2.26 -27.78 -8.93
N LYS A 83 -2.11 -26.46 -8.87
CA LYS A 83 -0.78 -25.87 -9.00
C LYS A 83 0.11 -26.26 -7.84
N ILE A 84 -0.45 -26.31 -6.63
CA ILE A 84 0.32 -26.69 -5.45
C ILE A 84 0.83 -28.12 -5.58
N ILE A 85 -0.04 -29.04 -6.03
CA ILE A 85 0.37 -30.43 -6.18
C ILE A 85 1.45 -30.56 -7.25
N GLU A 86 1.41 -29.73 -8.28
CA GLU A 86 2.43 -29.81 -9.32
C GLU A 86 3.80 -29.42 -8.78
N ILE A 87 3.87 -28.37 -7.97
CA ILE A 87 5.15 -27.93 -7.42
C ILE A 87 5.70 -28.99 -6.45
N LEU A 88 4.81 -29.64 -5.70
CA LEU A 88 5.25 -30.68 -4.78
C LEU A 88 5.82 -31.88 -5.53
N GLU A 89 5.09 -32.37 -6.53
CA GLU A 89 5.50 -33.58 -7.23
C GLU A 89 6.73 -33.35 -8.10
N SER A 90 6.83 -32.18 -8.73
CA SER A 90 7.82 -31.96 -9.78
C SER A 90 8.85 -30.89 -9.46
N GLY A 91 8.63 -30.06 -8.44
CA GLY A 91 9.58 -29.03 -8.07
C GLY A 91 9.54 -27.79 -8.94
N HIS A 92 8.76 -27.77 -10.02
CA HIS A 92 8.63 -26.64 -10.92
C HIS A 92 7.16 -26.39 -11.22
N LEU A 93 6.87 -25.27 -11.87
CA LEU A 93 5.51 -24.92 -12.28
C LEU A 93 5.56 -24.57 -13.76
N ARG A 94 4.96 -25.41 -14.60
CA ARG A 94 5.12 -25.29 -16.04
C ARG A 94 4.64 -23.93 -16.55
N LYS A 95 3.54 -23.43 -15.99
CA LYS A 95 2.99 -22.16 -16.47
C LYS A 95 4.03 -21.04 -16.40
N LEU A 96 5.00 -21.13 -15.48
CA LEU A 96 6.03 -20.11 -15.39
C LEU A 96 6.84 -20.00 -16.68
N ASP A 97 6.97 -21.09 -17.42
CA ASP A 97 7.68 -21.07 -18.69
C ASP A 97 6.80 -20.62 -19.84
N HIS A 98 5.58 -20.15 -19.57
CA HIS A 98 4.65 -19.74 -20.62
C HIS A 98 3.99 -18.41 -20.27
N ILE A 99 4.70 -17.55 -19.57
CA ILE A 99 4.26 -16.19 -19.32
C ILE A 99 4.61 -15.35 -20.53
N SER A 100 3.70 -14.44 -20.92
CA SER A 100 3.93 -13.57 -22.07
C SER A 100 5.26 -12.85 -21.95
N GLU A 101 5.98 -12.79 -23.08
CA GLU A 101 7.27 -12.10 -23.08
C GLU A 101 7.12 -10.60 -22.85
N SER A 102 5.91 -10.05 -22.96
CA SER A 102 5.72 -8.63 -22.71
C SER A 102 5.83 -8.26 -21.24
N VAL A 103 5.76 -9.24 -20.33
CA VAL A 103 5.57 -8.93 -18.91
C VAL A 103 6.73 -8.12 -18.33
N PRO A 104 8.00 -8.49 -18.56
CA PRO A 104 9.08 -7.67 -17.98
C PRO A 104 9.01 -6.21 -18.41
N VAL A 105 8.66 -5.96 -19.68
CA VAL A 105 8.57 -4.58 -20.16
C VAL A 105 7.35 -3.89 -19.56
N LEU A 106 6.22 -4.59 -19.48
CA LEU A 106 5.04 -4.02 -18.83
C LEU A 106 5.34 -3.66 -17.38
N GLU A 107 6.11 -4.49 -16.68
CA GLU A 107 6.49 -4.17 -15.30
C GLU A 107 7.38 -2.94 -15.25
N LEU A 108 8.35 -2.85 -16.16
CA LEU A 108 9.23 -1.69 -16.23
C LEU A 108 8.42 -0.40 -16.37
N PHE A 109 7.45 -0.42 -17.29
CA PHE A 109 6.66 0.78 -17.57
C PHE A 109 5.70 1.12 -16.43
N SER A 110 5.02 0.12 -15.88
CA SER A 110 4.03 0.41 -14.85
C SER A 110 4.68 0.76 -13.52
N ASN A 111 6.00 0.63 -13.39
CA ASN A 111 6.69 1.16 -12.21
C ASN A 111 6.98 2.66 -12.33
N ILE A 112 6.58 3.29 -13.42
CA ILE A 112 6.54 4.75 -13.50
C ILE A 112 5.31 5.23 -12.73
N TRP A 113 5.52 6.11 -11.77
CA TRP A 113 4.41 6.65 -10.99
C TRP A 113 3.47 7.41 -11.91
N GLY A 114 2.19 7.05 -11.87
CA GLY A 114 1.20 7.64 -12.74
C GLY A 114 0.91 6.85 -13.98
N ALA A 115 1.68 5.81 -14.27
CA ALA A 115 1.42 4.91 -15.39
C ALA A 115 0.99 3.58 -14.81
N GLY A 116 -0.19 3.11 -15.22
CA GLY A 116 -0.71 1.83 -14.83
C GLY A 116 -0.71 0.85 -15.99
N THR A 117 -1.55 -0.18 -15.85
N THR A 117 -1.54 -0.19 -15.85
CA THR A 117 -1.59 -1.24 -16.85
CA THR A 117 -1.56 -1.21 -16.89
C THR A 117 -2.04 -0.71 -18.22
C THR A 117 -1.99 -0.65 -18.23
N LYS A 118 -3.03 0.20 -18.25
CA LYS A 118 -3.53 0.68 -19.54
C LYS A 118 -2.47 1.46 -20.29
N THR A 119 -1.73 2.32 -19.57
CA THR A 119 -0.68 3.10 -20.21
C THR A 119 0.49 2.20 -20.63
N ALA A 120 0.87 1.25 -19.78
CA ALA A 120 1.97 0.35 -20.12
C ALA A 120 1.64 -0.50 -21.34
N GLN A 121 0.40 -1.01 -21.44
CA GLN A 121 0.01 -1.80 -22.60
C GLN A 121 0.01 -0.97 -23.87
N MET A 122 -0.47 0.28 -23.78
CA MET A 122 -0.47 1.17 -24.94
C MET A 122 0.95 1.45 -25.42
N TRP A 123 1.84 1.80 -24.48
CA TRP A 123 3.24 2.00 -24.83
C TRP A 123 3.84 0.74 -25.46
N TYR A 124 3.52 -0.43 -24.91
CA TYR A 124 4.04 -1.66 -25.49
C TYR A 124 3.51 -1.87 -26.90
N GLN A 125 2.22 -1.60 -27.12
N GLN A 125 2.22 -1.62 -27.13
CA GLN A 125 1.67 -1.76 -28.47
CA GLN A 125 1.65 -1.74 -28.47
C GLN A 125 2.24 -0.76 -29.46
C GLN A 125 2.34 -0.80 -29.44
N GLN A 126 2.70 0.39 -28.97
CA GLN A 126 3.35 1.38 -29.82
C GLN A 126 4.79 1.03 -30.13
N GLY A 127 5.32 -0.07 -29.59
CA GLY A 127 6.65 -0.54 -29.92
C GLY A 127 7.72 -0.16 -28.91
N PHE A 128 7.36 0.56 -27.85
CA PHE A 128 8.36 0.94 -26.86
C PHE A 128 8.75 -0.27 -26.02
N ARG A 129 10.03 -0.34 -25.65
CA ARG A 129 10.56 -1.45 -24.88
C ARG A 129 11.46 -1.04 -23.73
N SER A 130 11.92 0.21 -23.67
CA SER A 130 12.87 0.66 -22.66
C SER A 130 12.43 2.02 -22.15
N LEU A 131 13.01 2.43 -21.01
CA LEU A 131 12.73 3.76 -20.51
C LEU A 131 13.33 4.84 -21.42
N GLU A 132 14.41 4.51 -22.13
CA GLU A 132 14.90 5.41 -23.17
C GLU A 132 13.84 5.66 -24.24
N ASP A 133 13.13 4.61 -24.67
CA ASP A 133 12.04 4.80 -25.62
C ASP A 133 10.96 5.70 -25.03
N ILE A 134 10.61 5.47 -23.77
CA ILE A 134 9.60 6.30 -23.11
C ILE A 134 10.09 7.75 -23.04
N ARG A 135 11.32 7.95 -22.59
CA ARG A 135 11.87 9.30 -22.46
C ARG A 135 11.80 10.06 -23.78
N SER A 136 12.22 9.43 -24.87
CA SER A 136 12.38 10.14 -26.13
C SER A 136 11.12 10.17 -26.98
N GLN A 137 10.21 9.20 -26.84
CA GLN A 137 9.10 9.07 -27.79
C GLN A 137 7.72 9.09 -27.16
N ALA A 138 7.58 8.72 -25.90
CA ALA A 138 6.25 8.60 -25.32
C ALA A 138 5.69 9.96 -24.94
N SER A 139 4.37 10.09 -25.01
N SER A 139 4.36 10.09 -25.00
CA SER A 139 3.67 11.20 -24.40
CA SER A 139 3.68 11.23 -24.40
C SER A 139 3.52 10.91 -22.92
C SER A 139 3.45 10.95 -22.93
N LEU A 140 3.90 11.87 -22.07
CA LEU A 140 3.87 11.70 -20.63
C LEU A 140 3.01 12.77 -19.99
N THR A 141 2.16 12.37 -19.05
CA THR A 141 1.48 13.35 -18.22
C THR A 141 2.49 14.05 -17.32
N THR A 142 2.05 15.15 -16.71
CA THR A 142 2.90 15.86 -15.75
C THR A 142 3.35 14.91 -14.64
N GLN A 143 2.42 14.10 -14.12
CA GLN A 143 2.76 13.14 -13.07
C GLN A 143 3.78 12.13 -13.56
N GLN A 144 3.54 11.56 -14.74
CA GLN A 144 4.42 10.52 -15.26
C GLN A 144 5.82 11.04 -15.52
N ALA A 145 5.95 12.31 -15.92
CA ALA A 145 7.28 12.88 -16.13
C ALA A 145 8.05 12.97 -14.81
N ILE A 146 7.37 13.34 -13.72
CA ILE A 146 8.03 13.35 -12.42
C ILE A 146 8.41 11.93 -12.00
N GLY A 147 7.48 10.98 -12.19
CA GLY A 147 7.79 9.60 -11.92
C GLY A 147 9.02 9.08 -12.67
N LEU A 148 9.12 9.41 -13.95
CA LEU A 148 10.27 8.96 -14.73
C LEU A 148 11.55 9.59 -14.20
N LYS A 149 11.51 10.88 -13.91
CA LYS A 149 12.67 11.57 -13.37
C LYS A 149 13.15 10.94 -12.07
N HIS A 150 12.23 10.40 -11.28
CA HIS A 150 12.54 9.78 -9.99
C HIS A 150 12.35 8.27 -10.05
N TYR A 151 12.60 7.66 -11.20
CA TYR A 151 12.28 6.25 -11.39
C TYR A 151 12.99 5.38 -10.36
N SER A 152 14.31 5.53 -10.23
CA SER A 152 15.02 4.73 -9.24
C SER A 152 14.65 5.16 -7.82
N ASP A 153 14.53 6.46 -7.57
CA ASP A 153 14.19 6.94 -6.21
C ASP A 153 12.92 6.28 -5.69
N PHE A 154 11.88 6.23 -6.52
CA PHE A 154 10.58 5.76 -6.06
C PHE A 154 10.55 4.24 -5.88
N LEU A 155 11.52 3.52 -6.42
CA LEU A 155 11.62 2.09 -6.19
C LEU A 155 12.45 1.74 -4.96
N GLU A 156 13.18 2.69 -4.39
CA GLU A 156 13.99 2.45 -3.21
C GLU A 156 13.16 2.64 -1.95
N ARG A 157 13.43 1.82 -0.94
CA ARG A 157 12.85 1.99 0.38
C ARG A 157 13.89 2.58 1.31
N MET A 158 13.46 3.51 2.15
CA MET A 158 14.38 4.19 3.04
C MET A 158 14.42 3.49 4.39
N PRO A 159 15.51 3.61 5.14
N PRO A 159 15.52 3.60 5.13
CA PRO A 159 15.51 3.08 6.52
CA PRO A 159 15.52 3.11 6.52
C PRO A 159 14.52 3.85 7.37
C PRO A 159 14.48 3.85 7.34
N ARG A 160 13.84 3.13 8.27
CA ARG A 160 12.79 3.76 9.05
C ARG A 160 13.33 4.95 9.85
N GLU A 161 14.61 4.92 10.22
CA GLU A 161 15.23 6.07 10.89
C GLU A 161 15.14 7.34 10.04
N GLU A 162 15.22 7.21 8.72
CA GLU A 162 15.08 8.37 7.84
C GLU A 162 13.62 8.81 7.77
N ALA A 163 12.69 7.87 7.76
CA ALA A 163 11.28 8.23 7.84
C ALA A 163 10.99 9.06 9.08
N THR A 164 11.58 8.69 10.21
CA THR A 164 11.44 9.49 11.43
C THR A 164 11.88 10.93 11.19
N GLU A 165 13.04 11.11 10.54
CA GLU A 165 13.55 12.45 10.26
C GLU A 165 12.57 13.25 9.41
N ILE A 166 12.01 12.61 8.38
CA ILE A 166 11.03 13.27 7.53
C ILE A 166 9.78 13.63 8.33
N GLU A 167 9.30 12.69 9.15
CA GLU A 167 8.13 12.99 9.98
C GLU A 167 8.39 14.19 10.87
N GLN A 168 9.57 14.23 11.49
CA GLN A 168 9.90 15.35 12.38
C GLN A 168 10.01 16.66 11.62
N THR A 169 10.47 16.61 10.37
CA THR A 169 10.53 17.81 9.55
C THR A 169 9.14 18.38 9.29
N VAL A 170 8.19 17.52 8.91
CA VAL A 170 6.82 17.94 8.71
C VAL A 170 6.21 18.42 10.02
N GLN A 171 6.43 17.66 11.10
CA GLN A 171 5.82 18.00 12.38
C GLN A 171 6.27 19.38 12.87
N LYS A 172 7.57 19.66 12.77
CA LYS A 172 8.07 20.93 13.29
C LYS A 172 7.54 22.09 12.47
N ALA A 173 7.42 21.93 11.15
CA ALA A 173 6.83 22.99 10.33
C ALA A 173 5.35 23.17 10.63
N ALA A 174 4.64 22.07 10.87
CA ALA A 174 3.22 22.17 11.21
C ALA A 174 3.05 22.85 12.57
N GLN A 175 3.76 22.35 13.59
CA GLN A 175 3.54 22.85 14.94
C GLN A 175 4.01 24.29 15.11
N ALA A 176 4.82 24.80 14.19
CA ALA A 176 5.11 26.23 14.18
C ALA A 176 3.86 27.06 13.91
N PHE A 177 2.90 26.49 13.18
CA PHE A 177 1.65 27.22 12.93
C PHE A 177 0.70 27.12 14.13
N ASN A 178 0.61 25.95 14.74
CA ASN A 178 -0.24 25.73 15.90
C ASN A 178 0.40 24.64 16.72
N SER A 179 0.88 24.99 17.92
CA SER A 179 1.61 24.06 18.76
C SER A 179 0.78 22.88 19.23
N GLY A 180 -0.55 22.95 19.09
CA GLY A 180 -1.42 21.85 19.47
C GLY A 180 -1.65 20.80 18.41
N LEU A 181 -1.13 20.99 17.19
CA LEU A 181 -1.33 20.01 16.14
C LEU A 181 -0.67 18.68 16.50
N LEU A 182 -1.32 17.59 16.12
CA LEU A 182 -0.77 16.25 16.28
C LEU A 182 -0.37 15.72 14.91
N CYS A 183 0.82 15.14 14.82
CA CYS A 183 1.33 14.55 13.59
C CYS A 183 1.81 13.15 13.88
N VAL A 184 1.41 12.19 13.05
CA VAL A 184 1.73 10.79 13.23
C VAL A 184 2.11 10.20 11.88
N ALA A 185 3.26 9.56 11.81
CA ALA A 185 3.63 8.77 10.64
C ALA A 185 2.91 7.43 10.70
N CYS A 186 2.20 7.09 9.62
CA CYS A 186 1.38 5.89 9.58
C CYS A 186 2.01 4.89 8.62
N GLY A 187 1.22 4.22 7.79
CA GLY A 187 1.68 3.22 6.85
C GLY A 187 2.67 2.22 7.44
N SER A 188 3.61 1.81 6.58
CA SER A 188 4.58 0.80 6.97
C SER A 188 5.42 1.25 8.15
N TYR A 189 5.61 2.56 8.34
CA TYR A 189 6.38 3.04 9.48
C TYR A 189 5.69 2.66 10.78
N ARG A 190 4.40 3.00 10.90
CA ARG A 190 3.68 2.66 12.12
C ARG A 190 3.55 1.16 12.31
N ARG A 191 3.52 0.38 11.23
CA ARG A 191 3.47 -1.07 11.38
C ARG A 191 4.81 -1.66 11.78
N GLY A 192 5.83 -0.83 11.98
CA GLY A 192 7.10 -1.28 12.53
C GLY A 192 8.08 -1.84 11.53
N LYS A 193 7.89 -1.63 10.23
CA LYS A 193 8.81 -2.21 9.25
C LYS A 193 10.16 -1.49 9.29
N ALA A 194 11.21 -2.25 8.97
CA ALA A 194 12.56 -1.71 9.06
C ALA A 194 12.83 -0.70 7.94
N THR A 195 12.15 -0.84 6.81
CA THR A 195 12.26 0.09 5.70
C THR A 195 10.87 0.51 5.24
N CYS A 196 10.81 1.67 4.60
CA CYS A 196 9.55 2.32 4.21
C CYS A 196 9.64 2.83 2.78
N GLY A 197 8.62 2.51 1.96
CA GLY A 197 8.59 3.05 0.61
C GLY A 197 8.38 4.54 0.56
N ASP A 198 7.67 5.09 1.55
CA ASP A 198 7.44 6.52 1.67
C ASP A 198 7.17 6.82 3.14
N VAL A 199 6.83 8.07 3.43
CA VAL A 199 6.34 8.47 4.75
C VAL A 199 4.91 9.00 4.60
N ASP A 200 4.00 8.46 5.41
CA ASP A 200 2.57 8.78 5.37
C ASP A 200 2.21 9.55 6.65
N VAL A 201 2.13 10.87 6.55
CA VAL A 201 1.97 11.73 7.73
C VAL A 201 0.51 12.13 7.85
N LEU A 202 -0.09 11.81 9.00
CA LEU A 202 -1.45 12.19 9.34
C LEU A 202 -1.39 13.34 10.35
N ILE A 203 -2.15 14.40 10.07
CA ILE A 203 -2.17 15.59 10.91
C ILE A 203 -3.61 15.87 11.33
N THR A 204 -3.80 16.22 12.60
CA THR A 204 -5.10 16.62 13.10
C THR A 204 -4.89 17.60 14.25
N HIS A 205 -5.99 18.06 14.83
CA HIS A 205 -5.90 18.94 16.01
C HIS A 205 -6.96 18.51 17.02
N PRO A 206 -6.59 18.27 18.29
CA PRO A 206 -7.58 17.77 19.26
C PRO A 206 -8.78 18.69 19.50
N ASP A 207 -8.72 19.96 19.11
CA ASP A 207 -9.86 20.84 19.37
C ASP A 207 -10.96 20.71 18.32
N GLY A 208 -10.76 19.86 17.32
CA GLY A 208 -11.79 19.57 16.35
C GLY A 208 -11.91 20.55 15.21
N ARG A 209 -11.17 21.66 15.24
CA ARG A 209 -11.37 22.72 14.25
C ARG A 209 -10.09 23.39 13.76
N SER A 210 -9.02 23.46 14.56
CA SER A 210 -7.83 24.21 14.17
C SER A 210 -6.96 23.49 13.14
N HIS A 211 -7.35 22.30 12.70
CA HIS A 211 -6.73 21.69 11.54
C HIS A 211 -7.07 22.44 10.26
N ARG A 212 -8.14 23.23 10.26
CA ARG A 212 -8.60 23.88 9.05
C ARG A 212 -7.58 24.89 8.55
N GLY A 213 -7.29 24.85 7.25
CA GLY A 213 -6.43 25.82 6.61
C GLY A 213 -4.94 25.51 6.64
N ILE A 214 -4.49 24.61 7.51
CA ILE A 214 -3.04 24.48 7.67
C ILE A 214 -2.42 23.72 6.50
N PHE A 215 -3.16 22.81 5.88
CA PHE A 215 -2.64 22.03 4.76
C PHE A 215 -1.91 22.91 3.75
N SER A 216 -2.56 23.98 3.30
CA SER A 216 -1.94 24.82 2.27
C SER A 216 -0.78 25.63 2.85
N ARG A 217 -0.91 26.12 4.09
CA ARG A 217 0.19 26.87 4.68
C ARG A 217 1.38 25.95 4.96
N LEU A 218 1.11 24.74 5.42
CA LEU A 218 2.18 23.77 5.69
C LEU A 218 3.00 23.50 4.44
N LEU A 219 2.33 23.30 3.30
CA LEU A 219 3.05 23.02 2.08
C LEU A 219 3.91 24.21 1.65
N ASP A 220 3.35 25.42 1.73
CA ASP A 220 4.14 26.60 1.37
C ASP A 220 5.36 26.73 2.27
N SER A 221 5.19 26.43 3.56
CA SER A 221 6.33 26.45 4.48
C SER A 221 7.38 25.43 4.07
N LEU A 222 6.95 24.21 3.76
CA LEU A 222 7.92 23.17 3.41
C LEU A 222 8.58 23.47 2.07
N ARG A 223 7.85 24.07 1.12
CA ARG A 223 8.47 24.47 -0.14
C ARG A 223 9.51 25.56 0.10
N GLN A 224 9.14 26.59 0.86
CA GLN A 224 10.02 27.73 1.05
C GLN A 224 11.36 27.34 1.66
N GLU A 225 11.37 26.34 2.53
CA GLU A 225 12.62 25.83 3.10
C GLU A 225 13.28 24.77 2.23
N GLY A 226 12.77 24.54 1.01
CA GLY A 226 13.42 23.65 0.08
C GLY A 226 13.23 22.18 0.34
N PHE A 227 12.38 21.80 1.32
CA PHE A 227 12.24 20.40 1.68
C PHE A 227 11.49 19.62 0.61
N LEU A 228 10.47 20.23 0.00
CA LEU A 228 9.70 19.58 -1.04
C LEU A 228 10.36 19.83 -2.39
N THR A 229 10.56 18.76 -3.16
CA THR A 229 11.28 18.83 -4.41
C THR A 229 10.44 18.52 -5.64
N ASP A 230 9.21 18.06 -5.48
CA ASP A 230 8.30 17.80 -6.60
C ASP A 230 6.95 17.42 -6.03
N ASP A 231 5.88 17.84 -6.70
CA ASP A 231 4.52 17.53 -6.29
C ASP A 231 3.86 16.64 -7.33
N LEU A 232 3.25 15.53 -6.86
CA LEU A 232 2.46 14.65 -7.72
C LEU A 232 0.98 14.97 -7.63
N VAL A 233 0.47 15.13 -6.42
CA VAL A 233 -0.89 15.59 -6.15
C VAL A 233 -0.81 16.61 -5.02
N SER A 234 -1.48 17.76 -5.18
CA SER A 234 -1.40 18.80 -4.17
C SER A 234 -2.70 19.57 -3.98
N GLN A 235 -3.85 18.96 -4.29
CA GLN A 235 -5.15 19.50 -3.96
C GLN A 235 -5.87 18.48 -3.09
N GLY A 236 -6.32 18.92 -1.91
CA GLY A 236 -7.03 18.03 -1.00
C GLY A 236 -6.08 17.29 -0.09
N LYS A 237 -5.35 16.34 -0.64
N LYS A 237 -5.35 16.34 -0.64
CA LYS A 237 -4.26 15.68 0.05
CA LYS A 237 -4.25 15.68 0.05
C LYS A 237 -2.97 15.93 -0.73
C LYS A 237 -2.97 15.92 -0.73
N TYR A 238 -1.85 15.63 -0.10
CA TYR A 238 -0.54 15.83 -0.71
C TYR A 238 0.13 14.49 -0.97
N LEU A 239 0.54 14.28 -2.22
CA LEU A 239 1.45 13.20 -2.61
C LEU A 239 2.61 13.86 -3.34
N GLY A 240 3.82 13.68 -2.85
CA GLY A 240 4.96 14.34 -3.46
C GLY A 240 6.29 13.77 -3.10
N VAL A 241 7.31 14.63 -3.17
CA VAL A 241 8.70 14.24 -3.09
C VAL A 241 9.42 15.25 -2.23
N CYS A 242 10.25 14.75 -1.32
CA CYS A 242 11.03 15.57 -0.40
C CYS A 242 12.47 15.09 -0.39
N ARG A 243 13.34 15.87 0.23
CA ARG A 243 14.73 15.46 0.42
C ARG A 243 15.28 16.16 1.64
N LEU A 244 15.79 15.39 2.58
CA LEU A 244 16.39 15.98 3.77
C LEU A 244 17.63 16.77 3.36
N PRO A 245 18.00 17.78 4.12
CA PRO A 245 19.15 18.61 3.74
C PRO A 245 20.46 17.89 3.95
N GLY A 246 21.49 18.40 3.28
CA GLY A 246 22.84 17.94 3.50
C GLY A 246 23.30 16.89 2.51
N PRO A 247 24.46 16.31 2.77
CA PRO A 247 25.03 15.35 1.83
C PRO A 247 24.42 13.97 1.98
N GLY A 248 24.58 13.18 0.92
CA GLY A 248 24.20 11.78 0.92
C GLY A 248 22.73 11.50 1.05
N ARG A 249 21.88 12.44 0.62
CA ARG A 249 20.43 12.31 0.77
C ARG A 249 19.79 11.98 -0.58
N ARG A 250 18.74 11.17 -0.53
CA ARG A 250 17.96 10.77 -1.69
C ARG A 250 16.60 11.45 -1.66
N HIS A 251 16.01 11.64 -2.83
CA HIS A 251 14.62 12.05 -2.91
C HIS A 251 13.73 10.93 -2.40
N ARG A 252 12.77 11.27 -1.53
CA ARG A 252 11.87 10.31 -0.89
C ARG A 252 10.42 10.70 -1.13
N ARG A 253 9.56 9.70 -1.30
CA ARG A 253 8.13 9.95 -1.42
C ARG A 253 7.55 10.35 -0.07
N LEU A 254 6.67 11.35 -0.11
CA LEU A 254 5.99 11.87 1.07
C LEU A 254 4.51 12.06 0.76
N ASP A 255 3.65 11.50 1.60
CA ASP A 255 2.21 11.73 1.56
C ASP A 255 1.76 12.39 2.86
N ILE A 256 0.85 13.35 2.76
CA ILE A 256 0.31 14.07 3.91
C ILE A 256 -1.20 14.16 3.77
N ILE A 257 -1.91 13.87 4.86
N ILE A 257 -1.91 13.89 4.87
CA ILE A 257 -3.35 14.09 4.94
CA ILE A 257 -3.35 14.06 4.97
C ILE A 257 -3.65 14.81 6.25
C ILE A 257 -3.65 14.80 6.27
N VAL A 258 -4.57 15.77 6.19
CA VAL A 258 -5.04 16.53 7.35
C VAL A 258 -6.51 16.19 7.54
N VAL A 259 -6.88 15.79 8.76
CA VAL A 259 -8.24 15.31 9.02
C VAL A 259 -8.82 15.98 10.27
N PRO A 260 -10.14 16.17 10.33
CA PRO A 260 -10.74 16.63 11.58
C PRO A 260 -10.63 15.56 12.66
N TYR A 261 -10.53 16.01 13.90
CA TYR A 261 -10.31 15.10 15.01
C TYR A 261 -11.42 14.06 15.14
N SER A 262 -12.64 14.41 14.74
CA SER A 262 -13.75 13.47 14.89
C SER A 262 -13.55 12.22 14.05
N GLU A 263 -12.69 12.26 13.03
CA GLU A 263 -12.41 11.14 12.16
C GLU A 263 -11.06 10.51 12.44
N PHE A 264 -10.41 10.83 13.56
CA PHE A 264 -9.01 10.50 13.74
C PHE A 264 -8.80 8.99 13.79
N ALA A 265 -9.63 8.28 14.55
CA ALA A 265 -9.45 6.84 14.67
C ALA A 265 -9.57 6.13 13.32
N CYS A 266 -10.59 6.49 12.54
CA CYS A 266 -10.78 5.84 11.24
C CYS A 266 -9.68 6.24 10.25
N ALA A 267 -9.26 7.52 10.28
CA ALA A 267 -8.17 7.95 9.41
C ALA A 267 -6.86 7.26 9.80
N LEU A 268 -6.59 7.16 11.10
CA LEU A 268 -5.40 6.46 11.55
C LEU A 268 -5.44 5.00 11.12
N LEU A 269 -6.60 4.35 11.28
CA LEU A 269 -6.73 2.96 10.89
C LEU A 269 -6.47 2.79 9.40
N TYR A 270 -7.11 3.63 8.58
CA TYR A 270 -6.92 3.56 7.14
C TYR A 270 -5.45 3.76 6.76
N PHE A 271 -4.84 4.82 7.29
CA PHE A 271 -3.52 5.22 6.81
C PHE A 271 -2.42 4.30 7.35
N THR A 272 -2.72 3.52 8.39
CA THR A 272 -1.76 2.54 8.89
C THR A 272 -1.80 1.24 8.11
N GLY A 273 -2.97 0.86 7.57
CA GLY A 273 -3.01 -0.32 6.71
C GLY A 273 -2.72 -1.59 7.49
N SER A 274 -2.19 -2.62 6.82
CA SER A 274 -1.81 -2.60 5.39
C SER A 274 -3.00 -2.45 4.45
N ALA A 275 -2.70 -2.31 3.16
CA ALA A 275 -3.77 -2.21 2.17
C ALA A 275 -4.65 -3.46 2.20
N HIS A 276 -4.04 -4.64 2.23
CA HIS A 276 -4.86 -5.87 2.27
C HIS A 276 -5.56 -6.03 3.61
N PHE A 277 -4.95 -5.55 4.68
CA PHE A 277 -5.67 -5.51 5.95
C PHE A 277 -6.93 -4.65 5.84
N ASN A 278 -6.79 -3.45 5.27
CA ASN A 278 -7.95 -2.56 5.13
C ASN A 278 -9.03 -3.21 4.29
N ARG A 279 -8.64 -3.82 3.17
CA ARG A 279 -9.63 -4.42 2.28
C ARG A 279 -10.38 -5.55 2.99
N SER A 280 -9.67 -6.34 3.79
CA SER A 280 -10.30 -7.41 4.54
C SER A 280 -11.27 -6.85 5.59
N MET A 281 -10.80 -5.87 6.38
CA MET A 281 -11.67 -5.27 7.39
C MET A 281 -12.90 -4.63 6.76
N ARG A 282 -12.71 -3.95 5.63
CA ARG A 282 -13.85 -3.30 4.98
C ARG A 282 -14.82 -4.33 4.40
N ALA A 283 -14.30 -5.43 3.84
CA ALA A 283 -15.19 -6.47 3.35
C ALA A 283 -15.99 -7.07 4.50
N LEU A 284 -15.34 -7.29 5.65
CA LEU A 284 -16.04 -7.80 6.82
C LEU A 284 -17.13 -6.84 7.26
N ALA A 285 -16.82 -5.54 7.32
CA ALA A 285 -17.83 -4.56 7.71
C ALA A 285 -19.05 -4.66 6.80
N LYS A 286 -18.82 -4.85 5.50
CA LYS A 286 -19.93 -4.92 4.54
C LYS A 286 -20.84 -6.11 4.85
N THR A 287 -20.28 -7.26 5.20
CA THR A 287 -21.11 -8.42 5.50
C THR A 287 -21.98 -8.18 6.74
N LYS A 288 -21.57 -7.27 7.61
CA LYS A 288 -22.29 -6.97 8.84
C LYS A 288 -23.21 -5.76 8.69
N GLY A 289 -23.53 -5.39 7.46
CA GLY A 289 -24.40 -4.24 7.24
C GLY A 289 -23.76 -2.91 7.56
N MET A 290 -22.44 -2.82 7.50
CA MET A 290 -21.71 -1.60 7.81
C MET A 290 -20.82 -1.23 6.63
N SER A 291 -20.25 -0.02 6.69
CA SER A 291 -19.32 0.46 5.68
C SER A 291 -18.18 1.20 6.39
N LEU A 292 -16.95 0.84 6.08
CA LEU A 292 -15.77 1.42 6.73
C LEU A 292 -14.96 2.23 5.72
N SER A 293 -14.63 3.47 6.09
CA SER A 293 -13.77 4.31 5.27
C SER A 293 -12.83 5.06 6.20
N GLU A 294 -11.92 5.84 5.61
CA GLU A 294 -11.06 6.71 6.41
C GLU A 294 -11.84 7.80 7.12
N HIS A 295 -13.10 8.00 6.76
CA HIS A 295 -13.94 8.99 7.42
C HIS A 295 -14.69 8.43 8.60
N ALA A 296 -15.20 7.20 8.51
CA ALA A 296 -16.10 6.71 9.54
C ALA A 296 -16.41 5.23 9.32
N LEU A 297 -16.84 4.59 10.41
CA LEU A 297 -17.57 3.34 10.35
C LEU A 297 -19.05 3.68 10.49
N SER A 298 -19.85 3.26 9.52
CA SER A 298 -21.28 3.59 9.55
C SER A 298 -22.09 2.37 9.15
N THR A 299 -23.39 2.45 9.39
CA THR A 299 -24.33 1.44 8.91
C THR A 299 -24.59 1.66 7.41
N ALA A 300 -24.99 0.59 6.74
CA ALA A 300 -25.25 0.68 5.32
C ALA A 300 -26.46 1.58 5.04
N VAL A 301 -26.55 2.02 3.80
CA VAL A 301 -27.62 2.92 3.36
C VAL A 301 -28.98 2.26 3.46
N GLY A 313 -26.63 6.47 6.02
CA GLY A 313 -26.42 5.56 7.13
C GLY A 313 -26.11 6.29 8.43
N ARG A 314 -26.13 5.56 9.53
CA ARG A 314 -25.76 6.11 10.83
C ARG A 314 -24.25 5.99 11.02
N VAL A 315 -23.63 7.05 11.53
CA VAL A 315 -22.21 7.03 11.86
C VAL A 315 -22.04 6.44 13.25
N LEU A 316 -21.27 5.36 13.37
CA LEU A 316 -21.06 4.73 14.66
C LEU A 316 -19.93 5.41 15.43
N PRO A 317 -20.00 5.44 16.76
CA PRO A 317 -18.98 6.14 17.55
C PRO A 317 -17.68 5.35 17.58
N THR A 318 -16.59 5.97 17.11
CA THR A 318 -15.27 5.34 17.09
C THR A 318 -14.23 6.33 17.58
N PRO A 319 -14.18 6.60 18.89
CA PRO A 319 -13.13 7.48 19.41
C PRO A 319 -11.72 6.93 19.28
N THR A 320 -11.56 5.62 19.25
CA THR A 320 -10.25 4.99 19.16
C THR A 320 -10.30 3.84 18.15
N GLU A 321 -9.11 3.47 17.65
CA GLU A 321 -9.02 2.32 16.76
C GLU A 321 -9.66 1.08 17.38
N LYS A 322 -9.42 0.87 18.68
CA LYS A 322 -10.00 -0.30 19.35
C LYS A 322 -11.52 -0.35 19.18
N ASP A 323 -12.18 0.80 19.15
CA ASP A 323 -13.62 0.81 18.99
C ASP A 323 -14.05 0.25 17.65
N VAL A 324 -13.28 0.51 16.58
CA VAL A 324 -13.61 -0.05 15.27
C VAL A 324 -13.52 -1.57 15.30
N PHE A 325 -12.43 -2.11 15.85
CA PHE A 325 -12.31 -3.55 16.01
C PHE A 325 -13.48 -4.13 16.80
N ARG A 326 -13.82 -3.49 17.92
CA ARG A 326 -14.86 -4.04 18.79
C ARG A 326 -16.20 -4.08 18.06
N LEU A 327 -16.54 -3.03 17.31
CA LEU A 327 -17.82 -2.97 16.63
C LEU A 327 -17.92 -3.96 15.48
N LEU A 328 -16.79 -4.42 14.94
CA LEU A 328 -16.77 -5.47 13.92
C LEU A 328 -16.59 -6.86 14.52
N GLY A 329 -16.58 -6.98 15.84
CA GLY A 329 -16.42 -8.27 16.47
C GLY A 329 -15.04 -8.87 16.30
N LEU A 330 -14.01 -8.02 16.16
CA LEU A 330 -12.64 -8.48 15.91
C LEU A 330 -11.77 -8.28 17.14
N PRO A 331 -10.88 -9.22 17.44
CA PRO A 331 -9.83 -8.93 18.43
C PRO A 331 -8.97 -7.78 17.95
N TYR A 332 -8.53 -6.94 18.89
CA TYR A 332 -7.68 -5.83 18.52
C TYR A 332 -6.31 -6.33 18.07
N ARG A 333 -5.77 -5.71 17.02
CA ARG A 333 -4.44 -5.99 16.52
C ARG A 333 -3.61 -4.71 16.59
N GLU A 334 -2.44 -4.79 17.23
CA GLU A 334 -1.49 -3.70 17.18
C GLU A 334 -1.09 -3.47 15.71
N PRO A 335 -0.61 -2.27 15.38
CA PRO A 335 -0.25 -2.00 13.97
C PRO A 335 0.72 -3.02 13.37
N ALA A 336 1.71 -3.48 14.14
CA ALA A 336 2.66 -4.47 13.61
C ALA A 336 1.97 -5.76 13.19
N GLU A 337 0.80 -6.06 13.75
CA GLU A 337 0.09 -7.30 13.42
C GLU A 337 -0.93 -7.10 12.30
N ARG A 338 -0.92 -5.94 11.63
CA ARG A 338 -1.82 -5.65 10.52
C ARG A 338 -1.08 -5.73 9.18
N ASP A 339 0.07 -6.40 9.14
CA ASP A 339 0.96 -6.32 7.99
C ASP A 339 0.69 -7.46 7.02
N TRP A 340 -0.51 -7.44 6.46
CA TRP A 340 -0.92 -8.45 5.51
C TRP A 340 -0.59 -8.04 4.08
MG MG E . 3.72 4.22 2.98
NA NA F . 2.87 3.18 -12.01
MG MG G . 1.93 6.63 0.80
CL CL H . 0.91 3.14 18.16
CL CL I . 5.49 -11.44 4.13
CL CL J . -29.62 -0.99 11.74
CL CL K . -6.06 24.48 3.04
S SO4 L . 7.48 14.74 19.73
O1 SO4 L . 6.05 14.55 19.47
O2 SO4 L . 7.89 13.82 20.77
O3 SO4 L . 7.72 16.12 20.16
O4 SO4 L . 8.24 14.49 18.51
O4 DUP M . -4.60 0.40 -2.05
C4 DUP M . -4.40 0.92 -0.95
C5 DUP M . -3.14 1.50 -0.64
C6 DUP M . -2.95 2.03 0.60
N3 DUP M . -5.36 0.91 -0.01
C2 DUP M . -5.15 1.46 1.21
O2 DUP M . -6.05 1.44 2.02
N1 DUP M . -3.97 2.03 1.51
C1' DUP M . -3.73 2.61 2.85
C2' DUP M . -3.05 1.54 3.76
C3' DUP M . -1.55 1.88 3.55
O3' DUP M . -0.76 1.38 4.63
O4' DUP M . -2.81 3.72 2.77
C4' DUP M . -1.64 3.42 3.58
C5' DUP M . -0.40 4.08 2.97
O5' DUP M . -0.23 3.63 1.62
PA DUP M . 1.25 3.32 1.08
O1A DUP M . 1.15 3.19 -0.39
O2A DUP M . 2.18 4.37 1.57
N3A DUP M . 1.66 1.82 1.69
PB DUP M . 2.49 1.38 3.07
O1B DUP M . 1.68 0.34 3.77
O2B DUP M . 2.83 2.58 3.85
O3B DUP M . 3.84 0.67 2.55
PG DUP M . 5.09 1.40 1.83
O2G DUP M . 6.28 1.09 2.71
O1G DUP M . 5.17 0.74 0.49
O3G DUP M . 4.80 2.89 1.81
#